data_8AVH
#
_entry.id   8AVH
#
_cell.length_a   46.407
_cell.length_b   48.859
_cell.length_c   101.704
_cell.angle_alpha   90.000
_cell.angle_beta   90.000
_cell.angle_gamma   90.000
#
_symmetry.space_group_name_H-M   'P 21 21 21'
#
loop_
_entity.id
_entity.type
_entity.pdbx_description
1 polymer 'Heme-degrading monooxygenase'
2 non-polymer 1,3-PROPANDIOL
3 water water
#
_entity_poly.entity_id   1
_entity_poly.type   'polypeptide(L)'
_entity_poly.pdbx_seq_one_letter_code
;MIIVTNTAKITKGNGHKLIERFNKVGKVETMPGFLGLEVLLTQNTVDYDEVTISTRWNAKEDFQGWTKSAAFKDAHSHQG
GMPEYILDNKIAYYDVKVVRMPMAAAQ
;
_entity_poly.pdbx_strand_id   A,B
#
# COMPACT_ATOMS: atom_id res chain seq x y z
N MET A 1 -0.42 -1.98 -14.09
CA MET A 1 -0.47 -2.62 -12.79
C MET A 1 -1.35 -1.81 -11.84
N ILE A 2 -2.22 -2.47 -11.07
CA ILE A 2 -3.09 -1.77 -10.12
C ILE A 2 -3.02 -2.44 -8.75
N ILE A 3 -3.39 -1.67 -7.74
CA ILE A 3 -3.57 -2.17 -6.38
C ILE A 3 -5.00 -1.86 -5.96
N VAL A 4 -5.65 -2.83 -5.34
CA VAL A 4 -6.97 -2.64 -4.77
C VAL A 4 -6.83 -2.83 -3.28
N THR A 5 -7.31 -1.86 -2.50
CA THR A 5 -7.19 -1.90 -1.05
CA THR A 5 -7.19 -1.91 -1.05
C THR A 5 -8.57 -1.90 -0.41
N ASN A 6 -8.72 -2.68 0.65
CA ASN A 6 -9.89 -2.70 1.51
C ASN A 6 -9.38 -2.35 2.90
N THR A 7 -9.76 -1.18 3.40
CA THR A 7 -9.25 -0.65 4.66
C THR A 7 -10.38 -0.62 5.68
N ALA A 8 -10.20 -1.36 6.77
CA ALA A 8 -11.22 -1.55 7.78
C ALA A 8 -10.80 -0.87 9.07
N LYS A 9 -11.62 0.08 9.53
CA LYS A 9 -11.50 0.64 10.87
C LYS A 9 -12.21 -0.28 11.85
N ILE A 10 -11.51 -0.69 12.90
CA ILE A 10 -11.95 -1.79 13.75
C ILE A 10 -11.89 -1.36 15.21
N THR A 11 -12.89 -1.79 15.97
CA THR A 11 -12.89 -1.60 17.42
C THR A 11 -11.53 -1.98 18.01
N LYS A 12 -10.97 -1.07 18.81
CA LYS A 12 -9.62 -1.21 19.33
C LYS A 12 -9.41 -2.57 19.97
N GLY A 13 -8.29 -3.20 19.65
CA GLY A 13 -7.96 -4.52 20.14
C GLY A 13 -8.55 -5.68 19.36
N ASN A 14 -9.39 -5.43 18.35
CA ASN A 14 -10.00 -6.51 17.58
C ASN A 14 -9.37 -6.72 16.19
N GLY A 15 -8.33 -5.95 15.85
CA GLY A 15 -7.74 -6.10 14.52
C GLY A 15 -7.29 -7.51 14.23
N HIS A 16 -6.75 -8.19 15.24
CA HIS A 16 -6.24 -9.54 15.07
C HIS A 16 -7.30 -10.48 14.52
N LYS A 17 -8.57 -10.22 14.82
CA LYS A 17 -9.65 -11.08 14.34
C LYS A 17 -9.74 -11.05 12.83
N LEU A 18 -9.63 -9.86 12.23
CA LEU A 18 -9.72 -9.81 10.77
C LEU A 18 -8.46 -10.36 10.13
N ILE A 19 -7.30 -10.11 10.75
CA ILE A 19 -6.05 -10.66 10.22
C ILE A 19 -6.11 -12.18 10.16
N GLU A 20 -6.63 -12.81 11.22
CA GLU A 20 -6.73 -14.27 11.27
C GLU A 20 -7.50 -14.83 10.08
N ARG A 21 -8.56 -14.15 9.65
CA ARG A 21 -9.39 -14.67 8.56
C ARG A 21 -8.67 -14.67 7.22
N PHE A 22 -7.65 -13.83 7.05
CA PHE A 22 -6.88 -13.81 5.82
C PHE A 22 -5.57 -14.58 5.91
N ASN A 23 -5.22 -15.10 7.09
CA ASN A 23 -3.93 -15.74 7.33
C ASN A 23 -4.04 -17.24 7.01
N LYS A 24 -4.28 -17.51 5.73
CA LYS A 24 -4.38 -18.87 5.22
C LYS A 24 -4.26 -18.81 3.72
N VAL A 25 -3.96 -19.94 3.11
CA VAL A 25 -3.90 -20.01 1.64
C VAL A 25 -5.33 -20.05 1.11
N GLY A 26 -5.59 -19.29 0.04
CA GLY A 26 -6.93 -19.20 -0.49
C GLY A 26 -6.99 -19.39 -1.99
N LYS A 27 -8.06 -18.91 -2.60
CA LYS A 27 -8.24 -19.08 -4.04
C LYS A 27 -7.81 -17.88 -4.86
N VAL A 28 -7.83 -16.67 -4.27
CA VAL A 28 -7.55 -15.48 -5.07
C VAL A 28 -6.14 -15.55 -5.64
N GLU A 29 -5.20 -16.22 -4.95
CA GLU A 29 -3.85 -16.30 -5.46
C GLU A 29 -3.70 -17.24 -6.66
N THR A 30 -4.75 -17.97 -7.03
CA THR A 30 -4.74 -18.79 -8.24
C THR A 30 -5.30 -18.05 -9.46
N MET A 31 -5.69 -16.79 -9.32
CA MET A 31 -6.38 -16.08 -10.39
C MET A 31 -5.39 -15.53 -11.41
N PRO A 32 -5.76 -15.52 -12.69
CA PRO A 32 -4.90 -14.90 -13.72
C PRO A 32 -4.64 -13.44 -13.41
N GLY A 33 -3.39 -13.02 -13.60
CA GLY A 33 -3.02 -11.62 -13.38
C GLY A 33 -2.85 -11.23 -11.92
N PHE A 34 -3.08 -12.13 -10.97
CA PHE A 34 -2.84 -11.84 -9.56
C PHE A 34 -1.35 -11.75 -9.31
N LEU A 35 -0.94 -10.72 -8.56
CA LEU A 35 0.46 -10.52 -8.27
C LEU A 35 0.81 -10.61 -6.78
N GLY A 36 -0.17 -10.63 -5.89
CA GLY A 36 0.13 -10.72 -4.48
C GLY A 36 -0.96 -10.08 -3.63
N LEU A 37 -1.12 -10.60 -2.42
CA LEU A 37 -2.02 -10.06 -1.42
C LEU A 37 -1.23 -9.82 -0.15
N GLU A 38 -1.43 -8.67 0.51
CA GLU A 38 -0.84 -8.45 1.82
C GLU A 38 -1.87 -7.88 2.78
N VAL A 39 -1.70 -8.19 4.06
CA VAL A 39 -2.52 -7.66 5.13
C VAL A 39 -1.61 -6.79 6.01
N LEU A 40 -2.04 -5.56 6.24
CA LEU A 40 -1.27 -4.58 7.00
C LEU A 40 -2.03 -4.17 8.25
N LEU A 41 -1.29 -3.90 9.32
CA LEU A 41 -1.83 -3.31 10.53
C LEU A 41 -1.21 -1.94 10.71
N THR A 42 -2.03 -0.89 10.73
CA THR A 42 -1.51 0.46 10.85
C THR A 42 -0.91 0.68 12.24
N GLN A 43 0.25 1.35 12.30
CA GLN A 43 0.88 1.71 13.57
C GLN A 43 0.26 2.98 14.15
N ASN A 44 0.23 3.04 15.49
CA ASN A 44 -0.09 4.27 16.25
C ASN A 44 -1.51 4.76 16.01
N THR A 45 -2.47 3.84 15.95
CA THR A 45 -3.87 4.22 15.91
C THR A 45 -4.36 4.18 17.35
N VAL A 46 -4.82 5.34 17.84
CA VAL A 46 -4.99 5.50 19.28
C VAL A 46 -6.22 4.76 19.76
N ASP A 47 -7.40 5.15 19.29
CA ASP A 47 -8.65 4.63 19.80
C ASP A 47 -9.32 3.61 18.89
N TYR A 48 -8.57 3.03 17.95
CA TYR A 48 -9.12 2.05 17.03
C TYR A 48 -7.98 1.25 16.44
N ASP A 49 -8.33 0.15 15.76
CA ASP A 49 -7.39 -0.63 14.97
C ASP A 49 -7.68 -0.40 13.49
N GLU A 50 -6.64 -0.51 12.65
CA GLU A 50 -6.83 -0.35 11.21
C GLU A 50 -6.11 -1.48 10.50
N VAL A 51 -6.89 -2.31 9.78
CA VAL A 51 -6.36 -3.41 9.01
C VAL A 51 -6.66 -3.16 7.53
N THR A 52 -5.64 -3.31 6.71
CA THR A 52 -5.73 -3.10 5.27
C THR A 52 -5.43 -4.40 4.56
N ILE A 53 -6.34 -4.82 3.67
CA ILE A 53 -6.09 -5.93 2.76
C ILE A 53 -5.85 -5.33 1.40
N SER A 54 -4.72 -5.64 0.80
CA SER A 54 -4.42 -5.08 -0.52
C SER A 54 -4.05 -6.21 -1.47
N THR A 55 -4.58 -6.14 -2.69
CA THR A 55 -4.23 -7.09 -3.73
C THR A 55 -3.69 -6.33 -4.94
N ARG A 56 -2.66 -6.89 -5.56
CA ARG A 56 -1.98 -6.29 -6.69
C ARG A 56 -2.29 -7.12 -7.94
N TRP A 57 -2.54 -6.45 -9.06
CA TRP A 57 -3.00 -7.11 -10.28
C TRP A 57 -2.30 -6.50 -11.49
N ASN A 58 -2.05 -7.33 -12.50
N ASN A 58 -2.07 -7.32 -12.51
CA ASN A 58 -1.50 -6.81 -13.75
CA ASN A 58 -1.46 -6.77 -13.72
C ASN A 58 -2.39 -5.71 -14.31
C ASN A 58 -2.39 -5.74 -14.36
N ALA A 59 -3.71 -5.90 -14.25
CA ALA A 59 -4.65 -4.93 -14.80
C ALA A 59 -5.97 -5.03 -14.06
N LYS A 60 -6.77 -3.97 -14.15
CA LYS A 60 -8.05 -3.97 -13.46
C LYS A 60 -8.96 -5.09 -13.95
N GLU A 61 -8.90 -5.45 -15.23
CA GLU A 61 -9.80 -6.50 -15.68
C GLU A 61 -9.47 -7.84 -15.03
N ASP A 62 -8.23 -8.04 -14.61
CA ASP A 62 -7.89 -9.25 -13.86
C ASP A 62 -8.58 -9.28 -12.49
N PHE A 63 -8.60 -8.14 -11.78
CA PHE A 63 -9.35 -8.05 -10.54
C PHE A 63 -10.83 -8.28 -10.78
N GLN A 64 -11.36 -7.69 -11.83
CA GLN A 64 -12.78 -7.81 -12.11
C GLN A 64 -13.14 -9.25 -12.40
N GLY A 65 -12.26 -9.98 -13.09
CA GLY A 65 -12.50 -11.39 -13.31
C GLY A 65 -12.64 -12.16 -12.01
N TRP A 66 -11.79 -11.85 -11.03
CA TRP A 66 -11.91 -12.55 -9.75
C TRP A 66 -13.24 -12.24 -9.08
N THR A 67 -13.64 -10.95 -9.04
CA THR A 67 -14.85 -10.61 -8.30
C THR A 67 -16.11 -11.22 -8.91
N LYS A 68 -16.05 -11.61 -10.18
CA LYS A 68 -17.13 -12.33 -10.83
C LYS A 68 -17.00 -13.84 -10.71
N SER A 69 -15.90 -14.33 -10.15
CA SER A 69 -15.56 -15.75 -10.22
C SER A 69 -16.41 -16.58 -9.27
N ALA A 70 -16.37 -17.89 -9.50
CA ALA A 70 -17.00 -18.83 -8.58
C ALA A 70 -16.32 -18.80 -7.22
N ALA A 71 -14.98 -18.91 -7.21
CA ALA A 71 -14.25 -18.94 -5.96
C ALA A 71 -14.50 -17.69 -5.12
N PHE A 72 -14.71 -16.54 -5.77
CA PHE A 72 -15.05 -15.34 -5.02
C PHE A 72 -16.39 -15.49 -4.29
N LYS A 73 -17.31 -16.27 -4.85
CA LYS A 73 -18.60 -16.48 -4.20
C LYS A 73 -18.45 -17.37 -2.97
N ASP A 74 -17.54 -18.34 -3.01
CA ASP A 74 -17.30 -19.20 -1.86
C ASP A 74 -16.54 -18.48 -0.76
N ALA A 75 -15.47 -17.76 -1.13
CA ALA A 75 -14.68 -17.02 -0.16
C ALA A 75 -15.47 -15.89 0.50
N HIS A 76 -16.58 -15.46 -0.10
CA HIS A 76 -17.44 -14.46 0.51
C HIS A 76 -18.82 -15.05 0.73
N SER A 77 -18.85 -16.26 1.31
CA SER A 77 -20.09 -16.96 1.58
C SER A 77 -20.23 -17.09 3.09
N HIS A 78 -19.87 -18.24 3.67
CA HIS A 78 -20.03 -18.48 5.10
C HIS A 78 -19.08 -17.61 5.92
N GLN A 79 -19.25 -16.29 5.86
CA GLN A 79 -18.34 -15.36 6.51
C GLN A 79 -18.95 -14.67 7.72
N GLY A 80 -20.15 -15.08 8.14
CA GLY A 80 -20.80 -14.46 9.28
C GLY A 80 -21.18 -13.02 9.05
N GLY A 81 -21.41 -12.62 7.80
CA GLY A 81 -21.71 -11.23 7.51
C GLY A 81 -20.63 -10.27 8.01
N MET A 82 -20.98 -8.99 7.94
CA MET A 82 -20.09 -7.94 8.44
C MET A 82 -20.00 -8.05 9.95
N PRO A 83 -18.83 -8.30 10.52
CA PRO A 83 -18.72 -8.55 11.96
C PRO A 83 -19.05 -7.31 12.77
N GLU A 84 -19.29 -7.53 14.06
CA GLU A 84 -19.65 -6.42 14.94
C GLU A 84 -18.49 -5.46 15.12
N TYR A 85 -17.24 -5.94 15.03
CA TYR A 85 -16.10 -5.11 15.37
C TYR A 85 -15.65 -4.16 14.26
N ILE A 86 -16.25 -4.24 13.07
CA ILE A 86 -15.89 -3.34 11.96
C ILE A 86 -16.73 -2.08 12.05
N LEU A 87 -16.06 -0.94 12.24
CA LEU A 87 -16.73 0.37 12.33
C LEU A 87 -16.88 1.04 10.98
N ASP A 88 -15.91 0.87 10.08
CA ASP A 88 -15.99 1.42 8.73
C ASP A 88 -15.10 0.61 7.80
N ASN A 89 -15.48 0.58 6.53
CA ASN A 89 -14.76 -0.17 5.50
C ASN A 89 -14.69 0.69 4.25
N LYS A 90 -13.47 0.97 3.79
CA LYS A 90 -13.23 1.80 2.61
C LYS A 90 -12.46 0.99 1.58
N ILE A 91 -12.91 1.02 0.33
CA ILE A 91 -12.20 0.40 -0.78
C ILE A 91 -11.63 1.50 -1.67
N ALA A 92 -10.41 1.27 -2.17
CA ALA A 92 -9.77 2.22 -3.07
C ALA A 92 -9.01 1.48 -4.15
N TYR A 93 -8.87 2.13 -5.30
CA TYR A 93 -8.12 1.60 -6.43
C TYR A 93 -6.95 2.53 -6.72
N TYR A 94 -5.80 1.95 -7.04
CA TYR A 94 -4.59 2.73 -7.28
C TYR A 94 -3.94 2.24 -8.56
N ASP A 95 -3.50 3.18 -9.38
CA ASP A 95 -2.61 2.90 -10.50
C ASP A 95 -1.17 2.96 -10.01
N VAL A 96 -0.37 1.95 -10.33
CA VAL A 96 1.06 1.97 -10.01
C VAL A 96 1.77 2.74 -11.11
N LYS A 97 2.43 3.84 -10.75
CA LYS A 97 3.05 4.74 -11.70
C LYS A 97 4.57 4.60 -11.77
N VAL A 98 5.23 4.32 -10.64
CA VAL A 98 6.68 4.17 -10.59
C VAL A 98 7.00 3.01 -9.65
N VAL A 99 7.96 2.18 -10.05
CA VAL A 99 8.51 1.14 -9.17
C VAL A 99 10.03 1.26 -9.22
N ARG A 100 10.65 1.42 -8.04
CA ARG A 100 12.09 1.52 -7.93
C ARG A 100 12.58 0.43 -6.99
N MET A 101 13.29 -0.55 -7.54
CA MET A 101 13.79 -1.71 -6.82
C MET A 101 15.12 -1.40 -6.15
N PRO A 102 15.53 -2.20 -5.16
CA PRO A 102 16.82 -1.97 -4.49
C PRO A 102 17.99 -2.18 -5.44
N MET A 103 19.18 -1.75 -4.99
CA MET A 103 20.42 -2.09 -5.68
C MET A 103 20.92 -3.49 -5.30
N ALA A 104 20.53 -3.99 -4.12
CA ALA A 104 20.89 -5.35 -3.70
C ALA A 104 20.37 -6.42 -4.65
N ALA A 105 19.56 -6.06 -5.64
CA ALA A 105 19.16 -6.99 -6.68
C ALA A 105 19.54 -6.53 -8.08
N ALA A 106 19.43 -5.23 -8.36
CA ALA A 106 19.72 -4.68 -9.69
C ALA A 106 21.18 -4.91 -10.10
N MET B 1 8.89 -6.93 8.30
CA MET B 1 8.63 -6.05 7.17
C MET B 1 7.65 -4.93 7.52
N ILE B 2 8.01 -3.69 7.17
CA ILE B 2 7.13 -2.54 7.36
C ILE B 2 7.01 -1.78 6.05
N ILE B 3 5.95 -0.99 5.95
CA ILE B 3 5.75 -0.07 4.84
C ILE B 3 5.54 1.31 5.40
N VAL B 4 6.19 2.29 4.80
CA VAL B 4 6.03 3.69 5.17
C VAL B 4 5.45 4.40 3.97
N THR B 5 4.39 5.17 4.18
N THR B 5 4.31 5.08 4.16
CA THR B 5 3.65 5.81 3.11
CA THR B 5 3.70 5.83 3.08
C THR B 5 3.51 7.29 3.36
C THR B 5 3.67 7.32 3.40
N ASN B 6 3.79 8.09 2.32
CA ASN B 6 3.58 9.54 2.34
C ASN B 6 2.50 9.81 1.30
N THR B 7 1.35 10.29 1.74
CA THR B 7 0.22 10.52 0.85
C THR B 7 -0.01 12.01 0.74
N ALA B 8 0.07 12.52 -0.48
CA ALA B 8 -0.10 13.94 -0.76
C ALA B 8 -1.41 14.15 -1.50
N LYS B 9 -2.23 15.08 -1.02
CA LYS B 9 -3.35 15.57 -1.79
C LYS B 9 -2.87 16.78 -2.58
N ILE B 10 -3.14 16.77 -3.87
CA ILE B 10 -2.53 17.67 -4.83
C ILE B 10 -3.66 18.29 -5.65
N THR B 11 -3.47 19.55 -6.04
CA THR B 11 -4.43 20.18 -6.93
C THR B 11 -4.73 19.29 -8.12
N LYS B 12 -6.02 19.03 -8.34
CA LYS B 12 -6.44 18.16 -9.44
C LYS B 12 -5.80 18.61 -10.74
N GLY B 13 -5.20 17.65 -11.45
CA GLY B 13 -4.46 17.93 -12.66
C GLY B 13 -2.98 18.18 -12.48
N ASN B 14 -2.49 18.29 -11.24
CA ASN B 14 -1.07 18.49 -11.01
C ASN B 14 -0.39 17.27 -10.38
N GLY B 15 -1.11 16.16 -10.20
CA GLY B 15 -0.49 14.98 -9.60
C GLY B 15 0.73 14.51 -10.36
N HIS B 16 0.71 14.62 -11.69
CA HIS B 16 1.81 14.15 -12.53
C HIS B 16 3.13 14.83 -12.16
N LYS B 17 3.07 16.04 -11.60
CA LYS B 17 4.30 16.75 -11.26
C LYS B 17 5.02 16.08 -10.09
N LEU B 18 4.28 15.61 -9.10
CA LEU B 18 4.96 14.90 -8.01
C LEU B 18 5.45 13.55 -8.49
N ILE B 19 4.64 12.83 -9.27
CA ILE B 19 5.05 11.54 -9.80
C ILE B 19 6.33 11.68 -10.61
N GLU B 20 6.40 12.71 -11.46
CA GLU B 20 7.60 12.90 -12.27
C GLU B 20 8.84 13.08 -11.40
N ARG B 21 8.71 13.81 -10.29
CA ARG B 21 9.89 14.02 -9.45
C ARG B 21 10.41 12.73 -8.83
N PHE B 22 9.57 11.72 -8.65
CA PHE B 22 10.05 10.44 -8.13
C PHE B 22 10.39 9.45 -9.23
N ASN B 23 10.24 9.84 -10.50
CA ASN B 23 10.44 8.92 -11.62
C ASN B 23 11.88 9.05 -12.12
N LYS B 24 12.78 8.56 -11.29
CA LYS B 24 14.23 8.59 -11.55
C LYS B 24 14.91 7.76 -10.48
N VAL B 25 16.13 7.34 -10.75
CA VAL B 25 16.88 6.60 -9.74
C VAL B 25 17.32 7.57 -8.66
N GLY B 26 17.09 7.19 -7.40
CA GLY B 26 17.44 8.07 -6.30
C GLY B 26 18.43 7.43 -5.34
N LYS B 27 18.47 7.92 -4.10
CA LYS B 27 19.40 7.36 -3.13
C LYS B 27 18.76 6.36 -2.19
N VAL B 28 17.44 6.41 -1.99
CA VAL B 28 16.84 5.47 -1.04
C VAL B 28 17.07 4.03 -1.49
N GLU B 29 17.16 3.80 -2.81
CA GLU B 29 17.44 2.46 -3.34
C GLU B 29 18.78 1.90 -2.90
N THR B 30 19.70 2.74 -2.43
CA THR B 30 21.00 2.27 -1.98
C THR B 30 21.04 1.92 -0.51
N MET B 31 19.92 2.08 0.21
CA MET B 31 19.98 1.94 1.66
C MET B 31 19.87 0.47 2.06
N PRO B 32 20.62 0.04 3.08
CA PRO B 32 20.47 -1.33 3.57
C PRO B 32 19.07 -1.56 4.12
N GLY B 33 18.53 -2.74 3.82
CA GLY B 33 17.22 -3.14 4.29
C GLY B 33 16.07 -2.60 3.46
N PHE B 34 16.36 -1.78 2.46
CA PHE B 34 15.33 -1.25 1.58
C PHE B 34 14.80 -2.34 0.67
N LEU B 35 13.48 -2.44 0.53
CA LEU B 35 12.90 -3.50 -0.28
C LEU B 35 12.14 -3.00 -1.49
N GLY B 36 11.94 -1.71 -1.64
CA GLY B 36 11.26 -1.23 -2.83
C GLY B 36 10.51 0.04 -2.54
N LEU B 37 10.39 0.87 -3.56
CA LEU B 37 9.60 2.09 -3.53
C LEU B 37 8.60 2.04 -4.68
N GLU B 38 7.37 2.46 -4.41
CA GLU B 38 6.45 2.64 -5.53
C GLU B 38 5.68 3.93 -5.35
N VAL B 39 5.19 4.45 -6.47
CA VAL B 39 4.41 5.68 -6.49
C VAL B 39 3.06 5.33 -7.10
N LEU B 40 1.98 5.71 -6.40
CA LEU B 40 0.62 5.36 -6.76
C LEU B 40 -0.20 6.62 -6.99
N LEU B 41 -1.17 6.51 -7.88
CA LEU B 41 -2.15 7.56 -8.15
C LEU B 41 -3.52 6.98 -7.88
N THR B 42 -4.23 7.55 -6.92
CA THR B 42 -5.54 7.01 -6.56
C THR B 42 -6.51 7.23 -7.73
N GLN B 43 -7.31 6.20 -8.04
CA GLN B 43 -8.34 6.33 -9.07
C GLN B 43 -9.58 7.02 -8.52
N ASN B 44 -10.30 7.71 -9.41
CA ASN B 44 -11.62 8.27 -9.10
C ASN B 44 -11.61 9.18 -7.88
N THR B 45 -10.62 10.07 -7.80
CA THR B 45 -10.69 11.16 -6.85
C THR B 45 -11.21 12.37 -7.62
N VAL B 46 -12.25 13.01 -7.09
CA VAL B 46 -13.00 13.97 -7.88
C VAL B 46 -12.33 15.35 -7.85
N ASP B 47 -12.11 15.89 -6.65
CA ASP B 47 -11.72 17.28 -6.52
C ASP B 47 -10.20 17.47 -6.39
N TYR B 48 -9.43 16.40 -6.39
CA TYR B 48 -8.00 16.51 -6.19
C TYR B 48 -7.33 15.27 -6.74
N ASP B 49 -6.02 15.35 -6.92
CA ASP B 49 -5.21 14.17 -7.18
C ASP B 49 -4.63 13.69 -5.86
N GLU B 50 -4.43 12.38 -5.75
CA GLU B 50 -3.83 11.82 -4.55
C GLU B 50 -2.68 10.93 -4.97
N VAL B 51 -1.47 11.29 -4.55
CA VAL B 51 -0.25 10.60 -4.92
C VAL B 51 0.34 10.03 -3.65
N THR B 52 0.62 8.73 -3.66
CA THR B 52 1.18 8.02 -2.53
C THR B 52 2.56 7.52 -2.89
N ILE B 53 3.56 7.85 -2.09
CA ILE B 53 4.90 7.27 -2.20
C ILE B 53 5.06 6.28 -1.07
N SER B 54 5.30 5.03 -1.41
N SER B 54 5.37 5.04 -1.43
CA SER B 54 5.45 3.96 -0.44
CA SER B 54 5.45 3.91 -0.51
C SER B 54 6.87 3.41 -0.50
C SER B 54 6.88 3.37 -0.52
N THR B 55 7.46 3.15 0.66
CA THR B 55 8.74 2.46 0.73
C THR B 55 8.60 1.28 1.69
N ARG B 56 9.19 0.16 1.31
CA ARG B 56 9.09 -1.09 2.04
C ARG B 56 10.47 -1.42 2.61
N TRP B 57 10.50 -1.92 3.85
CA TRP B 57 11.75 -2.09 4.57
C TRP B 57 11.72 -3.43 5.30
N ASN B 58 12.90 -4.04 5.41
N ASN B 58 12.90 -4.06 5.39
CA ASN B 58 12.97 -5.29 6.15
CA ASN B 58 13.01 -5.30 6.15
C ASN B 58 12.59 -5.10 7.61
C ASN B 58 12.58 -5.09 7.59
N ALA B 59 12.95 -3.96 8.19
CA ALA B 59 12.65 -3.68 9.58
C ALA B 59 12.63 -2.17 9.81
N LYS B 60 11.96 -1.77 10.88
CA LYS B 60 11.85 -0.36 11.20
C LYS B 60 13.22 0.28 11.41
N GLU B 61 14.19 -0.49 11.90
CA GLU B 61 15.53 0.05 12.10
C GLU B 61 16.17 0.44 10.77
N ASP B 62 15.84 -0.28 9.69
CA ASP B 62 16.40 0.07 8.39
C ASP B 62 15.87 1.41 7.89
N PHE B 63 14.56 1.64 8.03
CA PHE B 63 14.00 2.93 7.69
C PHE B 63 14.60 4.03 8.57
N GLN B 64 14.74 3.75 9.86
CA GLN B 64 15.34 4.73 10.76
C GLN B 64 16.75 5.06 10.34
N GLY B 65 17.53 4.05 9.98
CA GLY B 65 18.86 4.30 9.43
C GLY B 65 18.81 5.27 8.28
N TRP B 66 17.87 5.06 7.35
CA TRP B 66 17.75 5.93 6.20
C TRP B 66 17.46 7.37 6.62
N THR B 67 16.49 7.58 7.51
CA THR B 67 16.15 8.96 7.88
C THR B 67 17.27 9.64 8.63
N LYS B 68 18.22 8.90 9.18
CA LYS B 68 19.39 9.48 9.84
C LYS B 68 20.54 9.72 8.89
N SER B 69 20.49 9.19 7.68
CA SER B 69 21.63 9.18 6.78
C SER B 69 21.91 10.57 6.21
N ALA B 70 23.18 10.79 5.86
CA ALA B 70 23.53 12.02 5.14
C ALA B 70 22.73 12.15 3.85
N ALA B 71 22.42 11.02 3.20
CA ALA B 71 21.63 11.05 1.98
C ALA B 71 20.26 11.68 2.22
N PHE B 72 19.53 11.17 3.23
CA PHE B 72 18.20 11.70 3.56
C PHE B 72 18.28 13.18 3.93
N LYS B 73 19.26 13.54 4.76
CA LYS B 73 19.48 14.94 5.11
C LYS B 73 19.63 15.79 3.85
N ASP B 74 20.56 15.40 2.97
CA ASP B 74 20.80 16.15 1.75
C ASP B 74 19.54 16.25 0.89
N ALA B 75 18.75 15.17 0.84
CA ALA B 75 17.54 15.14 0.03
C ALA B 75 16.42 16.01 0.60
N HIS B 76 16.61 16.57 1.80
CA HIS B 76 15.63 17.48 2.40
C HIS B 76 16.28 18.78 2.84
N SER B 77 17.47 19.10 2.29
CA SER B 77 18.15 20.35 2.63
C SER B 77 17.31 21.57 2.34
N HIS B 78 16.40 21.47 1.37
CA HIS B 78 15.58 22.59 0.91
C HIS B 78 14.97 23.36 2.07
N GLN B 79 15.35 24.63 2.20
CA GLN B 79 14.73 25.51 3.17
C GLN B 79 13.69 26.41 2.52
N GLY B 80 13.51 26.32 1.20
CA GLY B 80 12.56 27.15 0.50
C GLY B 80 11.13 26.91 0.93
N GLY B 81 10.63 25.71 0.65
CA GLY B 81 9.28 25.38 1.04
C GLY B 81 8.73 24.28 0.15
N MET B 82 7.47 24.45 -0.25
CA MET B 82 6.69 23.41 -0.89
C MET B 82 5.97 23.97 -2.11
N PRO B 83 5.92 23.23 -3.21
CA PRO B 83 5.16 23.67 -4.39
C PRO B 83 3.71 23.96 -4.02
N GLU B 84 3.14 24.99 -4.67
CA GLU B 84 1.80 25.45 -4.31
C GLU B 84 0.72 24.40 -4.60
N TYR B 85 0.98 23.42 -5.46
CA TYR B 85 -0.07 22.44 -5.72
C TYR B 85 -0.14 21.35 -4.66
N ILE B 86 0.80 21.29 -3.72
CA ILE B 86 0.76 20.29 -2.68
C ILE B 86 -0.10 20.83 -1.54
N LEU B 87 -1.29 20.25 -1.37
CA LEU B 87 -2.31 20.76 -0.46
C LEU B 87 -2.20 20.16 0.93
N ASP B 88 -1.88 18.88 1.02
CA ASP B 88 -1.73 18.21 2.32
C ASP B 88 -0.81 17.01 2.15
N ASN B 89 -0.27 16.53 3.26
CA ASN B 89 0.69 15.45 3.26
C ASN B 89 0.53 14.70 4.58
N LYS B 90 0.32 13.38 4.51
CA LYS B 90 0.21 12.56 5.71
C LYS B 90 1.11 11.36 5.59
N ILE B 91 1.77 11.03 6.71
CA ILE B 91 2.70 9.92 6.81
C ILE B 91 2.01 8.81 7.58
N ALA B 92 2.16 7.57 7.14
CA ALA B 92 1.62 6.44 7.88
C ALA B 92 2.62 5.30 7.89
N TYR B 93 2.57 4.48 8.94
CA TYR B 93 3.43 3.31 9.05
C TYR B 93 2.59 2.04 9.19
N TYR B 94 3.06 0.97 8.55
CA TYR B 94 2.32 -0.28 8.51
C TYR B 94 3.23 -1.44 8.83
N ASP B 95 2.74 -2.36 9.64
CA ASP B 95 3.39 -3.65 9.82
C ASP B 95 2.76 -4.65 8.87
N VAL B 96 3.58 -5.35 8.11
CA VAL B 96 3.08 -6.40 7.23
C VAL B 96 2.84 -7.66 8.05
N LYS B 97 1.59 -8.12 8.05
CA LYS B 97 1.16 -9.27 8.85
C LYS B 97 0.94 -10.55 8.06
N VAL B 98 0.51 -10.47 6.80
CA VAL B 98 0.29 -11.64 5.96
C VAL B 98 0.78 -11.29 4.57
N VAL B 99 1.46 -12.24 3.92
CA VAL B 99 1.81 -12.10 2.51
C VAL B 99 1.43 -13.37 1.78
N ARG B 100 0.52 -13.26 0.82
CA ARG B 100 0.09 -14.41 0.01
C ARG B 100 0.49 -14.17 -1.45
N MET B 101 1.47 -14.94 -1.92
CA MET B 101 2.04 -14.84 -3.25
C MET B 101 1.22 -15.67 -4.23
N PRO B 102 1.37 -15.43 -5.55
CA PRO B 102 0.63 -16.24 -6.52
C PRO B 102 0.96 -17.71 -6.37
N MET B 103 -0.05 -18.56 -6.60
CA MET B 103 0.11 -20.01 -6.60
C MET B 103 -0.52 -20.58 -7.85
N ALA B 104 0.03 -21.69 -8.33
CA ALA B 104 -0.59 -22.41 -9.43
C ALA B 104 -1.93 -22.99 -8.97
N ALA B 105 -2.94 -22.90 -9.84
CA ALA B 105 -4.26 -23.43 -9.48
C ALA B 105 -4.30 -24.95 -9.42
N ALA B 106 -3.24 -25.63 -9.82
CA ALA B 106 -3.14 -27.08 -9.69
C ALA B 106 -2.55 -27.44 -8.34
#